data_3W0H
#
_entry.id   3W0H
#
_cell.length_a   124.643
_cell.length_b   45.059
_cell.length_c   47.156
_cell.angle_alpha   90.00
_cell.angle_beta   100.36
_cell.angle_gamma   90.00
#
_symmetry.space_group_name_H-M   'C 1 2 1'
#
loop_
_entity.id
_entity.type
_entity.pdbx_description
1 polymer 'Vitamin D3 receptor'
2 polymer 'Mediator of RNA polymerase II transcription subunit 1'
3 non-polymer (2S)-3-{4-[4-(4-{[(2R)-2-hydroxy-3,3-dimethylbutyl]oxy}phenyl)heptan-4-yl]phenoxy}propane-1,2-diol
4 water water
#
loop_
_entity_poly.entity_id
_entity_poly.type
_entity_poly.pdbx_seq_one_letter_code
_entity_poly.pdbx_strand_id
1 'polypeptide(L)'
;SHDSLRPKLSEEQQHIIAILLDAHHKTYDPTYADFRDFRPPVRMDGSTGSVTLDLSPLSMLPHLADLVSYSIQKVIGFAK
MIPGFRDLTSDDQIVLLKSSAIEVIMLRSNQSFTMDDMSWDCGSQDYKYDVTDVSKAGHTLELIEPLIKFQVGLKKLNLH
EEEHVLLMAICIVSPDRPGVQDAKLVEAIQDRLSNTLQTYIRCRHPPPGSHQLYAKMIQKLADLRSLNEEHSKQYRSLSF
QPENSMKLTPLVLEVFGN
;
A
2 'polypeptide(L)' KNHPMLMNLLKDN C
#
loop_
_chem_comp.id
_chem_comp.type
_chem_comp.name
_chem_comp.formula
W12 non-polymer (2S)-3-{4-[4-(4-{[(2R)-2-hydroxy-3,3-dimethylbutyl]oxy}phenyl)heptan-4-yl]phenoxy}propane-1,2-diol 'C28 H42 O5'
#
# COMPACT_ATOMS: atom_id res chain seq x y z
N SER A 1 -19.21 -8.88 -18.44
CA SER A 1 -18.88 -8.69 -19.88
C SER A 1 -19.95 -7.72 -20.24
N HIS A 2 -19.63 -6.44 -20.17
CA HIS A 2 -20.70 -5.51 -20.05
C HIS A 2 -20.28 -4.42 -19.16
N ASP A 3 -20.01 -4.75 -17.91
CA ASP A 3 -19.34 -3.81 -17.02
C ASP A 3 -17.85 -3.75 -17.30
N SER A 4 -17.30 -4.84 -17.83
CA SER A 4 -15.87 -4.90 -18.08
C SER A 4 -15.50 -4.35 -19.45
N LEU A 5 -16.36 -4.58 -20.44
CA LEU A 5 -16.12 -4.10 -21.81
C LEU A 5 -16.82 -2.78 -22.11
N ARG A 6 -17.47 -2.23 -21.08
CA ARG A 6 -18.15 -0.94 -21.13
C ARG A 6 -17.29 0.16 -21.79
N PRO A 7 -17.82 0.82 -22.84
CA PRO A 7 -17.12 1.92 -23.54
C PRO A 7 -16.82 3.12 -22.64
N LYS A 8 -17.83 3.66 -21.96
CA LYS A 8 -17.63 4.84 -21.11
C LYS A 8 -17.98 4.50 -19.67
N LEU A 9 -17.49 5.31 -18.74
CA LEU A 9 -17.73 5.12 -17.32
C LEU A 9 -19.20 5.34 -17.00
N SER A 10 -19.79 4.40 -16.26
CA SER A 10 -21.15 4.56 -15.76
C SER A 10 -21.15 5.62 -14.65
N GLU A 11 -22.33 6.10 -14.29
CA GLU A 11 -22.47 6.99 -13.10
C GLU A 11 -21.90 6.27 -11.85
N GLU A 12 -22.19 4.97 -11.71
CA GLU A 12 -21.72 4.23 -10.53
C GLU A 12 -20.21 4.19 -10.52
N GLN A 13 -19.60 3.91 -11.67
CA GLN A 13 -18.14 3.82 -11.73
C GLN A 13 -17.52 5.18 -11.42
N GLN A 14 -18.17 6.24 -11.88
CA GLN A 14 -17.71 7.59 -11.58
C GLN A 14 -17.75 7.88 -10.07
N HIS A 15 -18.82 7.45 -9.40
CA HIS A 15 -18.90 7.61 -7.94
C HIS A 15 -17.82 6.83 -7.23
N ILE A 16 -17.55 5.61 -7.70
CA ILE A 16 -16.49 4.78 -7.07
C ILE A 16 -15.15 5.53 -7.11
N ILE A 17 -14.83 6.08 -8.27
CA ILE A 17 -13.57 6.82 -8.41
C ILE A 17 -13.55 8.05 -7.48
N ALA A 18 -14.65 8.81 -7.47
CA ALA A 18 -14.72 10.00 -6.62
C ALA A 18 -14.50 9.63 -5.15
N ILE A 19 -15.14 8.53 -4.70
CA ILE A 19 -15.00 8.07 -3.34
C ILE A 19 -13.56 7.71 -3.00
N LEU A 20 -12.88 7.04 -3.94
CA LEU A 20 -11.51 6.59 -3.66
C LEU A 20 -10.51 7.76 -3.67
N LEU A 21 -10.73 8.74 -4.54
CA LEU A 21 -9.91 9.96 -4.55
C LEU A 21 -10.06 10.71 -3.23
N ASP A 22 -11.30 10.87 -2.76
CA ASP A 22 -11.55 11.51 -1.48
C ASP A 22 -10.83 10.71 -0.38
N ALA A 23 -10.93 9.38 -0.43
CA ALA A 23 -10.36 8.54 0.62
C ALA A 23 -8.85 8.72 0.70
N HIS A 24 -8.21 8.70 -0.46
CA HIS A 24 -6.77 8.94 -0.58
C HIS A 24 -6.37 10.33 -0.11
N HIS A 25 -7.10 11.35 -0.54
CA HIS A 25 -6.80 12.72 -0.10
C HIS A 25 -6.94 12.97 1.37
N LYS A 26 -7.86 12.26 2.01
CA LYS A 26 -7.93 12.40 3.47
C LYS A 26 -6.95 11.51 4.23
N THR A 27 -6.25 10.61 3.53
CA THR A 27 -5.30 9.72 4.24
C THR A 27 -3.84 9.81 3.75
N TYR A 28 -3.58 10.71 2.81
CA TYR A 28 -2.20 10.91 2.32
C TYR A 28 -1.92 12.39 2.44
N ASP A 29 -0.96 12.74 3.28
CA ASP A 29 -0.57 14.16 3.48
C ASP A 29 0.69 14.50 2.70
N PRO A 30 0.54 15.24 1.57
CA PRO A 30 1.70 15.54 0.75
C PRO A 30 2.65 16.60 1.35
N THR A 31 2.32 17.11 2.54
CA THR A 31 3.25 18.00 3.25
C THR A 31 4.06 17.20 4.28
N TYR A 32 3.61 15.98 4.58
CA TYR A 32 4.33 15.08 5.50
C TYR A 32 4.59 15.69 6.88
N ALA A 33 3.63 16.48 7.33
CA ALA A 33 3.76 17.29 8.55
C ALA A 33 3.90 16.46 9.84
N ASP A 34 3.28 15.29 9.88
CA ASP A 34 3.33 14.40 11.05
C ASP A 34 4.67 13.68 11.28
N PHE A 35 5.55 13.70 10.27
CA PHE A 35 6.82 12.95 10.35
C PHE A 35 7.71 13.48 11.47
N ARG A 36 7.52 14.74 11.82
CA ARG A 36 8.27 15.38 12.90
C ARG A 36 7.91 14.80 14.28
N ASP A 37 6.77 14.12 14.37
CA ASP A 37 6.34 13.43 15.60
C ASP A 37 6.99 12.04 15.80
N PHE A 38 7.68 11.49 14.80
CA PHE A 38 8.28 10.16 14.94
C PHE A 38 9.57 10.23 15.76
N ARG A 39 10.02 9.08 16.26
CA ARG A 39 11.40 9.01 16.79
C ARG A 39 12.37 9.49 15.71
N PRO A 40 13.38 10.28 16.10
CA PRO A 40 14.24 10.90 15.05
C PRO A 40 15.03 9.89 14.22
N PRO A 41 15.25 10.21 12.94
CA PRO A 41 16.14 9.40 12.13
C PRO A 41 17.55 9.49 12.70
N VAL A 42 18.32 8.41 12.60
CA VAL A 42 19.73 8.39 13.00
C VAL A 42 20.51 7.74 11.86
N ARG A 43 21.39 8.49 11.21
CA ARG A 43 22.16 7.93 10.09
C ARG A 43 23.64 8.17 10.29
N MET A 44 24.45 7.50 9.45
CA MET A 44 25.90 7.69 9.39
C MET A 44 26.56 6.92 10.52
N SER A 56 26.37 1.13 15.02
CA SER A 56 24.92 1.18 15.26
C SER A 56 24.10 0.78 14.01
N PRO A 57 24.15 -0.50 13.55
CA PRO A 57 23.58 -0.77 12.22
C PRO A 57 22.06 -0.78 12.02
N LEU A 58 21.28 -0.84 13.08
CA LEU A 58 19.87 -0.78 12.91
C LEU A 58 19.38 0.59 13.32
N SER A 59 20.19 1.63 13.11
CA SER A 59 19.94 2.97 13.66
C SER A 59 18.65 3.63 13.13
N MET A 60 18.19 3.20 11.97
CA MET A 60 16.97 3.74 11.36
C MET A 60 15.71 2.92 11.70
N LEU A 61 15.89 1.79 12.40
CA LEU A 61 14.75 0.97 12.78
C LEU A 61 13.67 1.73 13.58
N PRO A 62 14.04 2.56 14.59
CA PRO A 62 12.95 3.23 15.32
C PRO A 62 12.17 4.22 14.46
N HIS A 63 12.88 5.06 13.70
CA HIS A 63 12.20 6.05 12.87
C HIS A 63 11.34 5.35 11.83
N LEU A 64 11.90 4.36 11.16
CA LEU A 64 11.14 3.67 10.08
C LEU A 64 10.00 2.81 10.62
N ALA A 65 10.17 2.31 11.85
CA ALA A 65 9.04 1.63 12.51
C ALA A 65 7.87 2.61 12.73
N ASP A 66 8.20 3.82 13.19
CA ASP A 66 7.18 4.87 13.35
C ASP A 66 6.54 5.26 12.03
N LEU A 67 7.36 5.41 10.98
CA LEU A 67 6.86 5.73 9.64
C LEU A 67 5.90 4.63 9.13
N VAL A 68 6.30 3.37 9.30
CA VAL A 68 5.46 2.24 8.86
C VAL A 68 4.17 2.18 9.69
N SER A 69 4.27 2.42 11.00
CA SER A 69 3.09 2.39 11.89
C SER A 69 2.08 3.47 11.49
N TYR A 70 2.57 4.70 11.31
CA TYR A 70 1.77 5.79 10.74
C TYR A 70 1.12 5.37 9.41
N SER A 71 1.92 4.76 8.56
CA SER A 71 1.44 4.38 7.20
C SER A 71 0.35 3.31 7.30
N ILE A 72 0.52 2.38 8.25
CA ILE A 72 -0.56 1.36 8.45
C ILE A 72 -1.88 2.05 8.83
N GLN A 73 -1.82 3.01 9.78
CA GLN A 73 -3.03 3.75 10.17
C GLN A 73 -3.71 4.39 8.96
N LYS A 74 -2.91 4.96 8.07
CA LYS A 74 -3.46 5.63 6.87
C LYS A 74 -4.06 4.63 5.90
N VAL A 75 -3.39 3.50 5.70
CA VAL A 75 -3.92 2.40 4.86
C VAL A 75 -5.26 1.87 5.38
N ILE A 76 -5.38 1.72 6.70
CA ILE A 76 -6.65 1.28 7.30
C ILE A 76 -7.73 2.34 7.04
N GLY A 77 -7.34 3.61 7.20
CA GLY A 77 -8.26 4.73 6.93
C GLY A 77 -8.78 4.71 5.50
N PHE A 78 -7.87 4.43 4.55
CA PHE A 78 -8.24 4.34 3.13
C PHE A 78 -9.16 3.15 2.90
N ALA A 79 -8.77 1.99 3.43
CA ALA A 79 -9.53 0.74 3.23
C ALA A 79 -10.98 0.88 3.69
N LYS A 80 -11.18 1.55 4.82
N LYS A 80 -11.15 1.52 4.85
CA LYS A 80 -12.53 1.72 5.37
CA LYS A 80 -12.48 1.70 5.42
C LYS A 80 -13.46 2.46 4.42
C LYS A 80 -13.43 2.45 4.46
N MET A 81 -12.88 3.25 3.53
CA MET A 81 -13.70 4.00 2.55
C MET A 81 -13.93 3.28 1.23
N ILE A 82 -13.20 2.19 0.98
CA ILE A 82 -13.44 1.46 -0.28
C ILE A 82 -14.89 0.94 -0.27
N PRO A 83 -15.70 1.28 -1.27
CA PRO A 83 -17.09 0.79 -1.33
C PRO A 83 -17.19 -0.73 -1.12
N GLY A 84 -17.94 -1.09 -0.07
CA GLY A 84 -18.19 -2.49 0.24
C GLY A 84 -17.26 -3.06 1.30
N PHE A 85 -16.07 -2.47 1.47
CA PHE A 85 -15.07 -3.08 2.34
C PHE A 85 -15.63 -3.18 3.77
N ARG A 86 -16.25 -2.09 4.25
CA ARG A 86 -16.76 -2.15 5.61
C ARG A 86 -17.97 -3.10 5.76
N ASP A 87 -18.45 -3.64 4.66
CA ASP A 87 -19.59 -4.56 4.72
C ASP A 87 -19.17 -6.02 4.82
N LEU A 88 -17.86 -6.25 4.70
CA LEU A 88 -17.31 -7.58 4.94
C LEU A 88 -17.33 -7.87 6.43
N THR A 89 -17.19 -9.14 6.82
CA THR A 89 -17.06 -9.43 8.27
C THR A 89 -15.79 -8.79 8.83
N SER A 90 -15.82 -8.47 10.12
CA SER A 90 -14.64 -7.93 10.78
C SER A 90 -13.39 -8.81 10.61
N ASP A 91 -13.54 -10.14 10.70
CA ASP A 91 -12.41 -11.05 10.50
C ASP A 91 -11.82 -10.92 9.09
N ASP A 92 -12.69 -10.83 8.06
CA ASP A 92 -12.19 -10.68 6.70
C ASP A 92 -11.49 -9.35 6.49
N GLN A 93 -12.04 -8.28 7.08
CA GLN A 93 -11.38 -6.94 7.01
C GLN A 93 -9.97 -7.02 7.59
N ILE A 94 -9.87 -7.66 8.75
CA ILE A 94 -8.58 -7.88 9.41
C ILE A 94 -7.58 -8.64 8.54
N VAL A 95 -8.00 -9.81 8.06
CA VAL A 95 -7.18 -10.64 7.16
C VAL A 95 -6.68 -9.88 5.92
N LEU A 96 -7.59 -9.17 5.27
CA LEU A 96 -7.25 -8.37 4.10
C LEU A 96 -6.23 -7.29 4.40
N LEU A 97 -6.40 -6.63 5.53
CA LEU A 97 -5.48 -5.52 5.86
C LEU A 97 -4.13 -6.05 6.34
N LYS A 98 -4.12 -7.08 7.18
CA LYS A 98 -2.85 -7.71 7.61
C LYS A 98 -2.05 -8.18 6.40
N SER A 99 -2.71 -8.81 5.42
CA SER A 99 -1.99 -9.33 4.24
C SER A 99 -1.55 -8.24 3.26
N SER A 100 -2.32 -7.16 3.14
CA SER A 100 -2.04 -6.15 2.10
C SER A 100 -1.24 -4.96 2.58
N ALA A 101 -1.17 -4.73 3.89
CA ALA A 101 -0.68 -3.44 4.40
C ALA A 101 0.70 -3.07 3.82
N ILE A 102 1.66 -4.00 3.90
CA ILE A 102 3.00 -3.71 3.34
C ILE A 102 2.96 -3.40 1.82
N GLU A 103 2.09 -4.07 1.08
CA GLU A 103 1.97 -3.84 -0.38
C GLU A 103 1.39 -2.47 -0.66
N VAL A 104 0.36 -2.10 0.10
CA VAL A 104 -0.23 -0.77 -0.08
C VAL A 104 0.78 0.31 0.30
N ILE A 105 1.57 0.04 1.32
CA ILE A 105 2.63 0.99 1.70
C ILE A 105 3.59 1.14 0.54
N MET A 106 3.94 0.04 -0.10
CA MET A 106 4.87 0.12 -1.24
C MET A 106 4.25 0.92 -2.38
N LEU A 107 2.96 0.68 -2.65
CA LEU A 107 2.25 1.44 -3.68
C LEU A 107 2.14 2.94 -3.35
N ARG A 108 1.68 3.26 -2.14
CA ARG A 108 1.44 4.66 -1.79
C ARG A 108 2.74 5.48 -1.74
N SER A 109 3.84 4.83 -1.33
N SER A 109 3.83 4.82 -1.34
CA SER A 109 5.13 5.50 -1.24
CA SER A 109 5.14 5.46 -1.25
C SER A 109 5.63 5.97 -2.60
C SER A 109 5.68 5.93 -2.59
N ASN A 110 5.14 5.34 -3.67
CA ASN A 110 5.61 5.70 -5.03
C ASN A 110 5.33 7.15 -5.38
N GLN A 111 4.30 7.74 -4.76
CA GLN A 111 4.00 9.15 -4.93
C GLN A 111 5.17 10.08 -4.50
N SER A 112 5.96 9.67 -3.51
CA SER A 112 7.12 10.46 -3.07
C SER A 112 8.44 9.97 -3.67
N PHE A 113 8.41 8.84 -4.37
CA PHE A 113 9.61 8.26 -4.97
C PHE A 113 10.05 9.08 -6.16
N THR A 114 11.36 9.29 -6.27
CA THR A 114 11.95 9.96 -7.44
C THR A 114 13.01 9.10 -8.14
N MET A 115 12.90 8.98 -9.46
CA MET A 115 13.84 8.16 -10.25
C MET A 115 15.25 8.74 -10.36
N ASP A 116 15.40 10.03 -10.02
CA ASP A 116 16.70 10.70 -10.07
C ASP A 116 17.77 9.99 -9.28
N ASP A 117 17.54 9.89 -7.97
CA ASP A 117 18.47 9.25 -7.05
C ASP A 117 17.81 8.10 -6.29
N MET A 118 16.73 7.60 -6.88
CA MET A 118 16.00 6.46 -6.37
C MET A 118 15.83 6.57 -4.86
N SER A 119 15.13 7.64 -4.49
CA SER A 119 14.87 7.98 -3.09
C SER A 119 13.40 8.39 -2.88
N TRP A 120 12.97 8.42 -1.62
CA TRP A 120 11.62 8.87 -1.26
C TRP A 120 11.68 10.23 -0.62
N ASP A 121 11.20 11.23 -1.34
CA ASP A 121 11.33 12.62 -0.89
C ASP A 121 10.10 13.05 -0.07
N CYS A 122 10.28 13.15 1.26
CA CYS A 122 9.17 13.39 2.20
C CYS A 122 9.19 14.62 3.15
N GLY A 123 9.47 15.84 2.70
CA GLY A 123 10.10 16.18 1.44
C GLY A 123 11.33 17.02 1.78
N SER A 124 11.74 16.97 3.04
CA SER A 124 12.95 17.61 3.53
C SER A 124 14.12 16.62 3.59
N GLN A 125 15.32 17.14 3.83
CA GLN A 125 16.54 16.33 3.80
C GLN A 125 16.56 15.21 4.85
N ASP A 126 16.07 15.52 6.03
CA ASP A 126 16.03 14.52 7.07
C ASP A 126 15.03 13.41 6.75
N TYR A 127 13.95 13.77 6.05
CA TYR A 127 12.93 12.80 5.66
C TYR A 127 13.01 12.51 4.17
N LYS A 128 14.22 12.55 3.63
CA LYS A 128 14.50 12.07 2.28
C LYS A 128 15.18 10.72 2.44
N TYR A 129 14.44 9.67 2.09
CA TYR A 129 14.85 8.32 2.41
C TYR A 129 15.47 7.63 1.21
N ASP A 130 16.55 6.89 1.43
CA ASP A 130 17.22 6.17 0.33
C ASP A 130 17.44 4.70 0.67
N VAL A 131 18.15 3.98 -0.21
CA VAL A 131 18.41 2.56 -0.01
C VAL A 131 19.18 2.28 1.30
N THR A 132 20.06 3.20 1.69
CA THR A 132 20.85 3.04 2.91
C THR A 132 19.94 3.08 4.16
N ASP A 133 18.91 3.92 4.13
CA ASP A 133 17.96 3.97 5.23
C ASP A 133 17.23 2.63 5.40
N VAL A 134 16.82 2.02 4.29
CA VAL A 134 16.15 0.72 4.32
C VAL A 134 17.12 -0.33 4.89
N SER A 135 18.37 -0.25 4.46
CA SER A 135 19.43 -1.11 4.94
C SER A 135 19.58 -0.99 6.46
N LYS A 136 19.54 0.24 6.94
CA LYS A 136 19.66 0.54 8.36
C LYS A 136 18.38 0.28 9.19
N ALA A 137 17.39 -0.33 8.54
CA ALA A 137 16.23 -0.88 9.26
C ALA A 137 16.39 -2.39 9.40
N GLY A 138 17.46 -2.92 8.84
CA GLY A 138 17.79 -4.34 8.95
C GLY A 138 17.57 -5.17 7.70
N HIS A 139 17.18 -4.50 6.63
CA HIS A 139 16.89 -5.18 5.38
C HIS A 139 18.09 -5.32 4.49
N THR A 140 18.10 -6.39 3.70
CA THR A 140 19.22 -6.72 2.83
C THR A 140 18.91 -6.39 1.38
N LEU A 141 19.91 -6.56 0.51
CA LEU A 141 19.71 -6.34 -0.93
C LEU A 141 18.68 -7.29 -1.55
N GLU A 142 18.42 -8.43 -0.93
CA GLU A 142 17.39 -9.38 -1.44
C GLU A 142 16.02 -8.72 -1.45
N LEU A 143 15.81 -7.76 -0.56
CA LEU A 143 14.59 -6.92 -0.60
C LEU A 143 14.78 -5.60 -1.36
N ILE A 144 15.88 -4.90 -1.06
CA ILE A 144 16.11 -3.56 -1.56
C ILE A 144 16.15 -3.49 -3.08
N GLU A 145 16.86 -4.45 -3.68
CA GLU A 145 17.00 -4.45 -5.11
C GLU A 145 15.68 -4.60 -5.87
N PRO A 146 14.88 -5.64 -5.58
CA PRO A 146 13.58 -5.73 -6.26
C PRO A 146 12.60 -4.61 -5.84
N LEU A 147 12.75 -4.10 -4.63
CA LEU A 147 11.92 -2.95 -4.19
C LEU A 147 12.17 -1.71 -5.05
N ILE A 148 13.45 -1.41 -5.31
CA ILE A 148 13.78 -0.26 -6.15
C ILE A 148 13.32 -0.50 -7.59
N LYS A 149 13.55 -1.72 -8.09
CA LYS A 149 13.06 -2.05 -9.42
C LYS A 149 11.57 -1.78 -9.54
N PHE A 150 10.82 -2.21 -8.53
CA PHE A 150 9.37 -2.02 -8.54
C PHE A 150 8.98 -0.54 -8.55
N GLN A 151 9.61 0.26 -7.70
CA GLN A 151 9.33 1.69 -7.61
C GLN A 151 9.59 2.40 -8.95
N VAL A 152 10.71 2.06 -9.57
CA VAL A 152 11.02 2.62 -10.90
C VAL A 152 9.99 2.17 -11.92
N GLY A 153 9.66 0.88 -11.93
CA GLY A 153 8.68 0.30 -12.86
C GLY A 153 7.33 0.94 -12.74
N LEU A 154 6.88 1.12 -11.50
CA LEU A 154 5.60 1.80 -11.23
C LEU A 154 5.62 3.24 -11.66
N LYS A 155 6.68 3.97 -11.31
CA LYS A 155 6.79 5.39 -11.61
C LYS A 155 6.71 5.60 -13.13
N LYS A 156 7.32 4.70 -13.88
CA LYS A 156 7.34 4.80 -15.34
C LYS A 156 6.00 4.58 -16.01
N LEU A 157 5.07 3.93 -15.31
CA LEU A 157 3.72 3.75 -15.83
C LEU A 157 2.97 5.06 -15.91
N ASN A 158 3.47 6.09 -15.23
CA ASN A 158 2.81 7.37 -15.18
C ASN A 158 1.30 7.32 -14.96
N LEU A 159 0.90 6.63 -13.90
CA LEU A 159 -0.52 6.50 -13.58
C LEU A 159 -1.18 7.83 -13.30
N HIS A 160 -2.44 7.96 -13.74
CA HIS A 160 -3.34 9.00 -13.27
C HIS A 160 -3.65 8.70 -11.82
N GLU A 161 -3.95 9.71 -11.03
CA GLU A 161 -4.29 9.48 -9.62
C GLU A 161 -5.48 8.50 -9.50
N GLU A 162 -6.42 8.61 -10.43
CA GLU A 162 -7.56 7.68 -10.51
C GLU A 162 -7.10 6.21 -10.58
N GLU A 163 -6.10 5.95 -11.41
CA GLU A 163 -5.57 4.58 -11.57
C GLU A 163 -4.80 4.15 -10.33
N HIS A 164 -4.07 5.08 -9.73
CA HIS A 164 -3.27 4.82 -8.52
C HIS A 164 -4.20 4.42 -7.37
N VAL A 165 -5.29 5.17 -7.17
CA VAL A 165 -6.18 4.83 -6.04
C VAL A 165 -6.96 3.54 -6.32
N LEU A 166 -7.36 3.33 -7.57
CA LEU A 166 -8.02 2.05 -7.93
C LEU A 166 -7.07 0.86 -7.68
N LEU A 167 -5.80 1.03 -8.02
CA LEU A 167 -4.83 -0.07 -7.84
C LEU A 167 -4.64 -0.41 -6.36
N MET A 168 -4.55 0.62 -5.50
CA MET A 168 -4.44 0.36 -4.07
C MET A 168 -5.67 -0.37 -3.54
N ALA A 169 -6.86 0.04 -3.99
CA ALA A 169 -8.08 -0.60 -3.52
C ALA A 169 -8.18 -2.07 -3.99
N ILE A 170 -7.83 -2.31 -5.25
CA ILE A 170 -7.80 -3.67 -5.84
C ILE A 170 -6.82 -4.56 -5.06
N CYS A 171 -5.67 -3.98 -4.72
CA CYS A 171 -4.67 -4.68 -3.92
C CYS A 171 -5.24 -5.16 -2.59
N ILE A 172 -5.94 -4.25 -1.88
CA ILE A 172 -6.54 -4.59 -0.58
C ILE A 172 -7.62 -5.65 -0.66
N VAL A 173 -8.55 -5.50 -1.59
CA VAL A 173 -9.68 -6.39 -1.67
C VAL A 173 -9.35 -7.55 -2.62
N SER A 174 -8.34 -8.34 -2.23
CA SER A 174 -7.90 -9.51 -3.01
C SER A 174 -8.47 -10.78 -2.34
N PRO A 175 -9.33 -11.52 -3.05
CA PRO A 175 -9.99 -12.70 -2.46
C PRO A 175 -9.06 -13.87 -2.21
N ASP A 176 -7.87 -13.87 -2.82
CA ASP A 176 -6.94 -15.03 -2.71
C ASP A 176 -5.95 -14.95 -1.52
N ARG A 177 -6.11 -13.97 -0.66
CA ARG A 177 -5.30 -13.89 0.56
C ARG A 177 -5.57 -15.06 1.49
N PRO A 178 -4.50 -15.64 2.09
CA PRO A 178 -4.71 -16.72 3.06
C PRO A 178 -5.59 -16.27 4.22
N GLY A 179 -6.60 -17.08 4.56
CA GLY A 179 -7.44 -16.76 5.73
C GLY A 179 -8.76 -16.07 5.40
N VAL A 180 -8.95 -15.64 4.15
CA VAL A 180 -10.22 -15.00 3.73
C VAL A 180 -11.34 -16.03 3.81
N GLN A 181 -12.43 -15.62 4.44
CA GLN A 181 -13.55 -16.51 4.70
C GLN A 181 -14.57 -16.41 3.61
N ASP A 182 -15.03 -15.20 3.36
CA ASP A 182 -16.06 -15.00 2.35
C ASP A 182 -15.41 -14.54 1.05
N ALA A 183 -14.65 -15.43 0.41
CA ALA A 183 -13.92 -15.08 -0.82
C ALA A 183 -14.79 -14.51 -1.93
N LYS A 184 -16.00 -15.05 -2.10
CA LYS A 184 -16.91 -14.58 -3.15
C LYS A 184 -17.35 -13.13 -2.94
N LEU A 185 -17.56 -12.75 -1.68
CA LEU A 185 -17.97 -11.38 -1.38
C LEU A 185 -16.80 -10.43 -1.66
N VAL A 186 -15.60 -10.87 -1.27
CA VAL A 186 -14.39 -10.07 -1.56
C VAL A 186 -14.19 -9.92 -3.07
N GLU A 187 -14.36 -11.02 -3.80
CA GLU A 187 -14.22 -11.00 -5.25
C GLU A 187 -15.23 -10.06 -5.93
N ALA A 188 -16.43 -10.00 -5.39
CA ALA A 188 -17.50 -9.15 -5.91
C ALA A 188 -17.06 -7.67 -5.84
N ILE A 189 -16.45 -7.27 -4.72
CA ILE A 189 -15.90 -5.91 -4.60
C ILE A 189 -14.75 -5.70 -5.57
N GLN A 190 -13.79 -6.63 -5.56
CA GLN A 190 -12.61 -6.47 -6.42
C GLN A 190 -13.03 -6.37 -7.88
N ASP A 191 -14.02 -7.17 -8.29
CA ASP A 191 -14.46 -7.13 -9.69
C ASP A 191 -15.05 -5.77 -10.11
N ARG A 192 -15.83 -5.19 -9.21
CA ARG A 192 -16.41 -3.87 -9.43
C ARG A 192 -15.28 -2.84 -9.59
N LEU A 193 -14.25 -2.93 -8.75
CA LEU A 193 -13.12 -2.05 -8.85
C LEU A 193 -12.28 -2.28 -10.12
N SER A 194 -12.02 -3.56 -10.45
CA SER A 194 -11.24 -3.91 -11.65
C SER A 194 -11.95 -3.44 -12.94
N ASN A 195 -13.26 -3.64 -13.00
CA ASN A 195 -14.07 -3.14 -14.12
C ASN A 195 -14.03 -1.64 -14.25
N THR A 196 -14.10 -0.95 -13.11
CA THR A 196 -13.98 0.51 -13.09
C THR A 196 -12.62 0.93 -13.66
N LEU A 197 -11.57 0.26 -13.23
CA LEU A 197 -10.22 0.57 -13.74
C LEU A 197 -10.10 0.34 -15.26
N GLN A 198 -10.58 -0.81 -15.71
CA GLN A 198 -10.56 -1.17 -17.14
C GLN A 198 -11.30 -0.15 -17.96
N THR A 199 -12.50 0.22 -17.50
CA THR A 199 -13.31 1.21 -18.20
C THR A 199 -12.66 2.60 -18.16
N TYR A 200 -12.07 2.97 -17.02
CA TYR A 200 -11.37 4.24 -16.90
C TYR A 200 -10.23 4.35 -17.92
N ILE A 201 -9.41 3.30 -18.00
CA ILE A 201 -8.28 3.29 -18.92
C ILE A 201 -8.77 3.42 -20.37
N ARG A 202 -9.79 2.63 -20.72
CA ARG A 202 -10.37 2.69 -22.10
C ARG A 202 -10.90 4.07 -22.50
N CYS A 203 -11.53 4.79 -21.59
CA CYS A 203 -12.23 6.04 -21.95
C CYS A 203 -11.56 7.33 -21.51
N ARG A 204 -10.62 7.27 -20.56
CA ARG A 204 -10.04 8.48 -19.96
C ARG A 204 -8.52 8.53 -20.06
N HIS A 205 -7.89 7.39 -20.29
CA HIS A 205 -6.45 7.40 -20.39
C HIS A 205 -6.09 7.46 -21.86
N PRO A 206 -5.40 8.54 -22.27
CA PRO A 206 -5.15 8.72 -23.70
C PRO A 206 -4.09 7.76 -24.22
N PRO A 207 -4.27 7.24 -25.44
CA PRO A 207 -3.15 6.56 -26.11
C PRO A 207 -2.03 7.59 -26.38
N PRO A 208 -0.76 7.16 -26.29
CA PRO A 208 -0.37 5.83 -25.87
C PRO A 208 -0.18 5.83 -24.35
N GLY A 209 0.25 4.71 -23.79
CA GLY A 209 0.31 4.63 -22.33
C GLY A 209 -0.95 3.98 -21.78
N SER A 210 -2.05 4.06 -22.54
CA SER A 210 -3.16 3.20 -22.24
C SER A 210 -2.90 1.84 -22.85
N HIS A 211 -1.96 1.78 -23.80
CA HIS A 211 -1.57 0.52 -24.42
C HIS A 211 -0.99 -0.42 -23.41
N GLN A 212 -1.68 -1.54 -23.23
CA GLN A 212 -1.26 -2.59 -22.31
C GLN A 212 -1.22 -2.16 -20.82
N LEU A 213 -1.74 -0.99 -20.53
CA LEU A 213 -1.67 -0.45 -19.15
C LEU A 213 -2.34 -1.37 -18.15
N TYR A 214 -3.52 -1.90 -18.49
CA TYR A 214 -4.24 -2.73 -17.53
C TYR A 214 -3.46 -3.98 -17.14
N ALA A 215 -2.90 -4.66 -18.14
CA ALA A 215 -2.11 -5.88 -17.88
C ALA A 215 -0.85 -5.55 -17.07
N LYS A 216 -0.21 -4.42 -17.39
CA LYS A 216 0.96 -3.96 -16.62
C LYS A 216 0.61 -3.70 -15.15
N MET A 217 -0.56 -3.14 -14.89
CA MET A 217 -0.99 -2.87 -13.49
C MET A 217 -1.24 -4.17 -12.74
N ILE A 218 -1.83 -5.15 -13.43
CA ILE A 218 -2.09 -6.47 -12.85
C ILE A 218 -0.77 -7.18 -12.54
N GLN A 219 0.21 -7.01 -13.43
CA GLN A 219 1.55 -7.55 -13.20
C GLN A 219 2.19 -6.93 -11.95
N LYS A 220 1.96 -5.64 -11.73
CA LYS A 220 2.49 -4.96 -10.54
C LYS A 220 1.90 -5.54 -9.26
N LEU A 221 0.63 -5.95 -9.33
CA LEU A 221 0.00 -6.67 -8.20
C LEU A 221 0.68 -7.99 -7.90
N ALA A 222 1.01 -8.75 -8.94
CA ALA A 222 1.75 -10.00 -8.75
C ALA A 222 3.16 -9.73 -8.18
N ASP A 223 3.82 -8.69 -8.68
CA ASP A 223 5.16 -8.30 -8.19
C ASP A 223 5.12 -7.95 -6.70
N LEU A 224 4.05 -7.27 -6.29
CA LEU A 224 3.86 -6.91 -4.88
C LEU A 224 3.75 -8.11 -3.96
N ARG A 225 3.10 -9.18 -4.42
CA ARG A 225 3.05 -10.45 -3.69
C ARG A 225 4.44 -10.97 -3.38
N SER A 226 5.33 -10.93 -4.38
CA SER A 226 6.71 -11.40 -4.20
C SER A 226 7.45 -10.51 -3.19
N LEU A 227 7.31 -9.19 -3.36
CA LEU A 227 7.88 -8.23 -2.42
C LEU A 227 7.37 -8.43 -1.00
N ASN A 228 6.08 -8.75 -0.87
CA ASN A 228 5.49 -9.01 0.43
C ASN A 228 6.16 -10.21 1.09
N GLU A 229 6.27 -11.31 0.34
CA GLU A 229 6.94 -12.51 0.84
C GLU A 229 8.35 -12.24 1.32
N GLU A 230 9.13 -11.51 0.51
CA GLU A 230 10.52 -11.17 0.89
C GLU A 230 10.56 -10.27 2.15
N HIS A 231 9.69 -9.26 2.18
CA HIS A 231 9.64 -8.39 3.35
C HIS A 231 9.25 -9.16 4.58
N SER A 232 8.28 -10.07 4.45
CA SER A 232 7.80 -10.87 5.57
C SER A 232 8.92 -11.77 6.11
N LYS A 233 9.63 -12.44 5.21
CA LYS A 233 10.75 -13.30 5.62
C LYS A 233 11.78 -12.50 6.44
N GLN A 234 12.18 -11.35 5.92
CA GLN A 234 13.16 -10.50 6.61
C GLN A 234 12.63 -9.92 7.93
N TYR A 235 11.36 -9.50 7.93
CA TYR A 235 10.69 -9.06 9.13
C TYR A 235 10.66 -10.15 10.21
N ARG A 236 10.30 -11.38 9.82
CA ARG A 236 10.29 -12.49 10.75
C ARG A 236 11.68 -12.71 11.35
N SER A 237 12.70 -12.64 10.52
CA SER A 237 14.10 -12.76 10.99
C SER A 237 14.48 -11.65 11.99
N LEU A 238 14.17 -10.41 11.63
CA LEU A 238 14.49 -9.27 12.48
C LEU A 238 13.71 -9.30 13.80
N SER A 239 12.40 -9.55 13.71
CA SER A 239 11.52 -9.42 14.89
C SER A 239 11.58 -10.64 15.81
N PHE A 240 12.32 -11.67 15.38
CA PHE A 240 12.55 -12.84 16.21
C PHE A 240 13.38 -12.48 17.45
N GLN A 241 14.34 -11.57 17.27
CA GLN A 241 15.16 -11.03 18.33
C GLN A 241 14.33 -10.01 19.11
N PRO A 242 13.97 -10.31 20.35
CA PRO A 242 13.00 -9.45 21.03
C PRO A 242 13.53 -8.03 21.28
N GLU A 243 14.86 -7.84 21.29
CA GLU A 243 15.38 -6.47 21.43
C GLU A 243 15.10 -5.61 20.19
N ASN A 244 14.87 -6.27 19.04
CA ASN A 244 14.40 -5.57 17.84
C ASN A 244 12.92 -5.30 17.88
N SER A 245 12.15 -6.34 18.25
CA SER A 245 10.70 -6.21 18.39
C SER A 245 10.32 -5.10 19.35
N MET A 246 11.08 -4.98 20.44
CA MET A 246 10.88 -3.91 21.42
C MET A 246 10.88 -2.52 20.79
N LYS A 247 11.64 -2.36 19.70
CA LYS A 247 11.80 -1.06 19.05
C LYS A 247 10.68 -0.74 18.06
N LEU A 248 9.77 -1.69 17.88
CA LEU A 248 8.65 -1.50 16.97
C LEU A 248 7.54 -0.73 17.62
N THR A 249 6.35 -0.73 17.02
CA THR A 249 5.21 -0.07 17.68
C THR A 249 4.14 -1.14 17.94
N PRO A 250 3.22 -0.88 18.87
CA PRO A 250 2.16 -1.83 19.13
C PRO A 250 1.35 -2.19 17.85
N LEU A 251 1.05 -1.21 17.01
CA LEU A 251 0.24 -1.47 15.79
C LEU A 251 1.04 -2.30 14.78
N VAL A 252 2.35 -2.06 14.65
CA VAL A 252 3.18 -2.85 13.74
C VAL A 252 3.19 -4.30 14.23
N LEU A 253 3.40 -4.48 15.53
CA LEU A 253 3.40 -5.85 16.07
C LEU A 253 2.07 -6.55 15.83
N GLU A 254 0.97 -5.81 16.01
CA GLU A 254 -0.37 -6.39 15.87
C GLU A 254 -0.64 -6.76 14.41
N VAL A 255 -0.28 -5.88 13.50
CA VAL A 255 -0.64 -6.05 12.08
C VAL A 255 0.33 -7.01 11.35
N PHE A 256 1.63 -6.91 11.69
CA PHE A 256 2.65 -7.73 11.02
C PHE A 256 2.92 -9.03 11.76
N GLY A 257 2.48 -9.08 13.02
CA GLY A 257 2.82 -10.13 13.96
C GLY A 257 4.08 -9.92 14.81
N ASN A 258 4.14 -10.76 15.85
CA ASN A 258 5.27 -10.87 16.76
C ASN A 258 5.55 -12.34 17.09
N ASN B 2 -7.84 -11.36 18.42
CA ASN B 2 -6.85 -10.57 19.18
C ASN B 2 -6.19 -9.47 18.34
N HIS B 3 -6.99 -8.53 17.82
CA HIS B 3 -6.43 -7.39 17.08
C HIS B 3 -7.18 -6.16 17.51
N PRO B 4 -7.06 -5.79 18.81
CA PRO B 4 -7.89 -4.69 19.34
C PRO B 4 -7.61 -3.34 18.67
N MET B 5 -6.34 -3.05 18.35
CA MET B 5 -6.03 -1.74 17.76
C MET B 5 -6.50 -1.64 16.32
N LEU B 6 -6.29 -2.71 15.57
CA LEU B 6 -6.80 -2.79 14.21
C LEU B 6 -8.33 -2.66 14.20
N MET B 7 -8.97 -3.41 15.08
CA MET B 7 -10.44 -3.45 15.23
C MET B 7 -10.98 -2.08 15.60
N ASN B 8 -10.29 -1.40 16.53
CA ASN B 8 -10.64 -0.02 16.86
C ASN B 8 -10.56 0.93 15.70
N LEU B 9 -9.49 0.81 14.90
CA LEU B 9 -9.30 1.69 13.78
C LEU B 9 -10.31 1.38 12.66
N LEU B 10 -10.85 0.17 12.67
CA LEU B 10 -11.89 -0.22 11.69
C LEU B 10 -13.29 0.23 12.12
N LYS B 11 -13.50 0.39 13.42
CA LYS B 11 -14.84 0.69 13.94
C LYS B 11 -15.30 2.12 13.63
N ASP B 12 -16.61 2.33 13.65
CA ASP B 12 -17.19 3.65 13.42
C ASP B 12 -18.37 3.91 14.36
C4 W12 C . 6.91 5.51 3.46
C5 W12 C . 6.83 4.21 3.91
C6 W12 C . 7.86 3.30 3.63
C7 W12 C . 8.99 3.73 2.93
C8 W12 C . 9.04 5.05 2.49
C10 W12 C . 10.10 2.75 2.64
C13 W12 C . 10.31 1.70 3.68
C15 W12 C . 11.17 -0.51 4.23
C11 W12 C . 11.42 3.51 2.52
C20 W12 C . 10.90 -2.49 8.59
C21 W12 C . 10.32 -2.49 10.00
C22 W12 C . 10.96 -3.63 10.79
C24 W12 C . 8.81 -2.68 9.97
C26 W12 C . 8.52 1.51 1.11
C28 W12 C . 8.23 1.29 -0.36
O01 W12 C . 4.95 8.78 -0.30
C1 W12 C . 5.11 8.89 1.12
C2 W12 C . 5.26 7.51 1.69
O02 W12 C . 4.01 6.83 1.49
C3 W12 C . 5.71 7.64 3.15
O03 W12 C . 5.86 6.38 3.75
C9 W12 C . 8.02 5.95 2.75
C25 W12 C . 12.05 3.79 3.90
C27 W12 C . 13.48 4.24 3.76
C12 W12 C . 9.87 2.16 1.26
C18 W12 C . 10.01 1.92 5.02
C17 W12 C . 10.28 0.92 5.97
C14 W12 C . 10.89 0.48 3.31
C16 W12 C . 10.84 -0.30 5.58
O04 W12 C . 11.11 -1.31 6.48
C19 W12 C . 10.52 -1.25 7.79
O05 W12 C . 10.45 -3.65 7.88
C23 W12 C . 10.72 -1.19 10.69
#